data_3ILQ
#
_entry.id   3ILQ
#
_cell.length_a   41.706
_cell.length_b   97.791
_cell.length_c   55.421
_cell.angle_alpha   90.00
_cell.angle_beta   106.94
_cell.angle_gamma   90.00
#
_symmetry.space_group_name_H-M   'P 1 21 1'
#
loop_
_entity.id
_entity.type
_entity.pdbx_description
1 polymer 'T-cell surface glycoprotein CD1d1'
2 polymer 'Beta-2 microglobulin'
3 branched 2-acetamido-2-deoxy-beta-D-glucopyranose-(1-4)-2-acetamido-2-deoxy-beta-D-glucopyranose
4 non-polymer 2-acetamido-2-deoxy-beta-D-glucopyranose
5 non-polymer '(2S)-3-(alpha-D-galactopyranosyloxy)-2-(hexadecanoyloxy)propyl (9Z)-octadec-9-enoate'
6 water water
#
loop_
_entity_poly.entity_id
_entity_poly.type
_entity_poly.pdbx_seq_one_letter_code
_entity_poly.pdbx_strand_id
1 'polypeptide(L)'
;SEAQQKNYTFRCLQMSSFANRSWSRTDSVVWLGDLQTHRWSNDSATISFTKPWSQGKLSNQQWEKLQHMFQVYRVSFTRD
IQELVKMMSPKEDYPIEIQLSAGCEMYPGNASESFLHVAFQGKYVVRFWGTSWQTVPGAPSWLDLPIKVLNADQGTSATV
QMLLNDTCPLFVRGLLEAGKSDLEKQEKPVAWLSSVPSSADGHRQLVCHVSGFYPKPVWVMWMRGDQEQQGTHRGDFLPN
ADETWYLQATLDVEAGEEAGLACRVKHSSLGGQDIILYWHHHHHH
;
C
2 'polypeptide(L)'
;IQKTPQIQVYSRHPPENGKPNILNCYVTQFHPPHIEIQMLKNGKKIPKVEMSDMSFSKDWSFYILAHTEFTPTETDTYAC
RVKHASMAEPKTVYWDRDM
;
D
#
# COMPACT_ATOMS: atom_id res chain seq x y z
N ASN A 7 0.92 6.55 -17.23
CA ASN A 7 -0.05 7.42 -16.51
C ASN A 7 0.18 7.32 -15.02
N TYR A 8 1.21 8.00 -14.55
CA TYR A 8 1.59 7.94 -13.14
C TYR A 8 0.60 8.70 -12.24
N THR A 9 0.05 7.98 -11.27
CA THR A 9 -0.78 8.57 -10.23
C THR A 9 0.10 8.87 -9.06
N PHE A 10 0.09 10.14 -8.67
CA PHE A 10 0.79 10.58 -7.49
C PHE A 10 -0.22 10.72 -6.35
N ARG A 11 -0.02 9.93 -5.31
CA ARG A 11 -0.96 9.89 -4.19
C ARG A 11 -0.26 10.28 -2.90
N CYS A 12 -0.77 11.30 -2.20
CA CYS A 12 -0.33 11.60 -0.83
C CYS A 12 -1.41 11.09 0.14
N LEU A 13 -1.02 10.18 1.05
CA LEU A 13 -1.98 9.51 1.95
C LEU A 13 -1.72 9.88 3.41
N GLN A 14 -2.70 10.50 4.06
CA GLN A 14 -2.60 10.85 5.45
C GLN A 14 -3.53 9.96 6.21
N MET A 15 -3.03 9.43 7.33
CA MET A 15 -3.81 8.59 8.21
C MET A 15 -3.71 9.22 9.60
N SER A 16 -4.85 9.68 10.14
CA SER A 16 -4.88 10.32 11.46
C SER A 16 -5.84 9.55 12.33
N SER A 17 -5.36 9.15 13.50
CA SER A 17 -6.15 8.44 14.48
C SER A 17 -6.23 9.32 15.71
N PHE A 18 -7.45 9.54 16.18
CA PHE A 18 -7.71 10.26 17.42
C PHE A 18 -8.33 9.27 18.40
N ALA A 19 -7.64 9.01 19.51
CA ALA A 19 -8.08 8.00 20.49
C ALA A 19 -9.06 8.56 21.51
N ASN A 20 -8.72 9.73 22.05
CA ASN A 20 -9.49 10.43 23.06
C ASN A 20 -9.04 11.89 23.05
N ARG A 21 -9.54 12.70 23.98
CA ARG A 21 -8.92 13.98 24.29
C ARG A 21 -7.42 13.75 24.19
N SER A 22 -6.68 14.70 23.64
CA SER A 22 -5.22 14.66 23.75
C SER A 22 -4.45 13.30 23.63
N TRP A 23 -4.96 12.36 22.84
CA TRP A 23 -4.11 11.34 22.20
C TRP A 23 -4.51 11.27 20.76
N SER A 24 -3.57 11.55 19.88
CA SER A 24 -3.82 11.35 18.46
C SER A 24 -2.50 11.19 17.75
N ARG A 25 -2.55 10.77 16.49
CA ARG A 25 -1.37 10.86 15.66
C ARG A 25 -1.76 10.97 14.20
N THR A 26 -0.88 11.57 13.42
CA THR A 26 -1.04 11.64 11.96
C THR A 26 0.23 11.09 11.35
N ASP A 27 0.09 10.17 10.39
CA ASP A 27 1.25 9.63 9.70
C ASP A 27 0.89 9.66 8.22
N SER A 28 1.85 9.98 7.36
CA SER A 28 1.61 10.08 5.92
C SER A 28 2.65 9.28 5.12
N VAL A 29 2.27 8.84 3.93
CA VAL A 29 3.16 8.19 2.97
C VAL A 29 2.82 8.78 1.62
N VAL A 30 3.78 8.81 0.71
CA VAL A 30 3.54 9.35 -0.61
C VAL A 30 4.01 8.36 -1.64
N TRP A 31 3.20 8.16 -2.66
CA TRP A 31 3.43 7.17 -3.67
C TRP A 31 3.43 7.83 -5.06
N LEU A 32 4.36 7.41 -5.91
CA LEU A 32 4.28 7.76 -7.32
C LEU A 32 4.15 6.46 -8.07
N GLY A 33 2.94 6.20 -8.56
CA GLY A 33 2.56 4.85 -8.99
C GLY A 33 2.72 3.92 -7.79
N ASP A 34 3.46 2.83 -7.99
CA ASP A 34 3.68 1.86 -6.90
C ASP A 34 5.01 2.05 -6.13
N LEU A 35 5.66 3.20 -6.28
CA LEU A 35 6.92 3.40 -5.58
C LEU A 35 6.72 4.47 -4.53
N GLN A 36 7.11 4.16 -3.29
CA GLN A 36 7.04 5.13 -2.20
C GLN A 36 8.12 6.20 -2.32
N THR A 37 7.72 7.47 -2.27
CA THR A 37 8.66 8.55 -2.45
C THR A 37 8.95 9.33 -1.16
N HIS A 38 7.99 9.31 -0.22
CA HIS A 38 8.09 10.02 1.07
C HIS A 38 7.43 9.25 2.17
N ARG A 39 7.88 9.48 3.39
CA ARG A 39 7.11 9.10 4.56
C ARG A 39 7.15 10.33 5.46
N TRP A 40 6.12 10.47 6.29
CA TRP A 40 6.08 11.51 7.31
C TRP A 40 5.41 10.92 8.53
N SER A 41 6.27 10.51 9.43
CA SER A 41 5.89 9.95 10.72
C SER A 41 5.41 11.02 11.67
N ASN A 42 4.44 10.66 12.50
CA ASN A 42 3.99 11.54 13.56
C ASN A 42 5.19 11.97 14.45
N ASP A 43 6.17 11.07 14.61
CA ASP A 43 7.37 11.33 15.43
C ASP A 43 8.31 12.35 14.80
N SER A 44 8.19 12.57 13.50
CA SER A 44 9.13 13.43 12.78
C SER A 44 8.61 14.84 12.51
N ALA A 45 9.45 15.82 12.82
CA ALA A 45 9.19 17.21 12.47
C ALA A 45 9.15 17.43 10.95
N THR A 46 9.97 16.68 10.21
CA THR A 46 10.17 16.89 8.77
C THR A 46 9.74 15.68 7.91
N ILE A 47 9.40 15.96 6.66
CA ILE A 47 9.05 14.92 5.69
C ILE A 47 10.30 14.18 5.24
N SER A 48 10.30 12.85 5.38
CA SER A 48 11.44 12.01 4.98
C SER A 48 11.41 11.62 3.50
N PHE A 49 12.59 11.63 2.90
CA PHE A 49 12.74 11.10 1.56
C PHE A 49 12.90 9.58 1.62
N THR A 50 12.24 8.87 0.72
CA THR A 50 12.50 7.46 0.59
C THR A 50 13.16 7.15 -0.77
N LYS A 51 13.52 8.18 -1.51
CA LYS A 51 14.26 8.00 -2.75
C LYS A 51 15.33 9.08 -2.85
N PRO A 52 16.44 8.81 -3.61
CA PRO A 52 17.41 9.90 -3.86
C PRO A 52 16.80 11.10 -4.59
N TRP A 53 15.69 10.88 -5.29
CA TRP A 53 15.06 11.90 -6.14
C TRP A 53 13.73 12.47 -5.59
N SER A 54 13.46 12.20 -4.31
CA SER A 54 12.18 12.57 -3.67
C SER A 54 11.91 14.07 -3.52
N GLN A 55 12.89 14.92 -3.83
CA GLN A 55 12.69 16.36 -3.84
C GLN A 55 12.34 16.82 -5.25
N GLY A 56 12.34 15.89 -6.20
CA GLY A 56 12.03 16.16 -7.61
C GLY A 56 13.00 17.14 -8.26
N LYS A 57 12.44 18.20 -8.85
CA LYS A 57 13.22 19.31 -9.37
C LYS A 57 13.07 20.55 -8.48
N LEU A 58 12.63 20.37 -7.24
CA LEU A 58 12.48 21.52 -6.34
C LEU A 58 13.78 21.88 -5.65
N SER A 59 14.04 23.19 -5.58
CA SER A 59 15.20 23.74 -4.88
C SER A 59 15.10 23.50 -3.39
N ASN A 60 16.23 23.61 -2.70
CA ASN A 60 16.26 23.42 -1.26
C ASN A 60 15.28 24.38 -0.56
N GLN A 61 15.29 25.61 -1.05
CA GLN A 61 14.42 26.66 -0.54
C GLN A 61 12.94 26.37 -0.81
N GLN A 62 12.61 25.99 -2.04
CA GLN A 62 11.22 25.68 -2.38
C GLN A 62 10.71 24.44 -1.62
N TRP A 63 11.59 23.45 -1.45
CA TRP A 63 11.23 22.29 -0.66
C TRP A 63 10.95 22.70 0.78
N GLU A 64 11.78 23.58 1.32
CA GLU A 64 11.65 24.03 2.71
C GLU A 64 10.32 24.71 2.99
N LYS A 65 9.86 25.54 2.05
CA LYS A 65 8.58 26.28 2.18
C LYS A 65 7.40 25.33 2.16
N LEU A 66 7.47 24.37 1.24
CA LEU A 66 6.41 23.43 1.04
C LEU A 66 6.28 22.52 2.27
N GLN A 67 7.42 22.20 2.90
CA GLN A 67 7.44 21.46 4.13
C GLN A 67 6.82 22.24 5.31
N HIS A 68 7.26 23.48 5.50
CA HIS A 68 6.72 24.38 6.53
C HIS A 68 5.19 24.55 6.44
N MET A 69 4.67 24.66 5.23
CA MET A 69 3.23 24.72 5.02
C MET A 69 2.54 23.42 5.50
N PHE A 70 3.13 22.28 5.13
CA PHE A 70 2.64 20.99 5.59
C PHE A 70 2.77 20.83 7.10
N GLN A 71 3.82 21.42 7.66
CA GLN A 71 4.02 21.39 9.10
C GLN A 71 2.96 22.21 9.86
N VAL A 72 2.63 23.39 9.33
CA VAL A 72 1.55 24.17 9.89
C VAL A 72 0.21 23.46 9.69
N TYR A 73 0.03 22.88 8.51
CA TYR A 73 -1.18 22.13 8.19
C TYR A 73 -1.44 20.98 9.15
N ARG A 74 -0.45 20.10 9.35
CA ARG A 74 -0.56 18.98 10.29
C ARG A 74 -0.98 19.43 11.69
N VAL A 75 -0.40 20.53 12.18
CA VAL A 75 -0.80 21.11 13.47
C VAL A 75 -2.25 21.67 13.44
N SER A 76 -2.55 22.52 12.46
CA SER A 76 -3.90 23.09 12.27
C SER A 76 -4.97 22.01 12.19
N PHE A 77 -4.69 20.98 11.42
CA PHE A 77 -5.61 19.86 11.19
C PHE A 77 -6.02 19.19 12.51
N THR A 78 -4.99 18.80 13.27
CA THR A 78 -5.13 18.16 14.56
C THR A 78 -5.95 18.99 15.57
N ARG A 79 -5.59 20.26 15.74
CA ARG A 79 -6.33 21.20 16.59
C ARG A 79 -7.80 21.30 16.11
N ASP A 80 -7.98 21.50 14.82
CA ASP A 80 -9.31 21.67 14.25
C ASP A 80 -10.22 20.47 14.52
N ILE A 81 -9.68 19.26 14.38
CA ILE A 81 -10.50 18.05 14.51
C ILE A 81 -10.86 17.88 15.98
N GLN A 82 -9.90 18.14 16.86
CA GLN A 82 -10.11 18.07 18.29
C GLN A 82 -11.13 19.12 18.77
N GLU A 83 -11.07 20.33 18.21
CA GLU A 83 -12.06 21.36 18.52
C GLU A 83 -13.47 20.99 18.03
N LEU A 84 -13.54 20.41 16.85
CA LEU A 84 -14.80 19.93 16.28
C LEU A 84 -15.47 18.84 17.14
N VAL A 85 -14.71 17.83 17.55
CA VAL A 85 -15.22 16.80 18.46
C VAL A 85 -15.75 17.44 19.77
N LYS A 86 -14.97 18.38 20.32
CA LYS A 86 -15.35 19.13 21.50
C LYS A 86 -16.70 19.82 21.32
N MET A 87 -16.86 20.50 20.19
CA MET A 87 -18.11 21.17 19.88
C MET A 87 -19.28 20.19 19.68
N MET A 88 -18.98 18.99 19.19
CA MET A 88 -20.00 18.00 18.84
C MET A 88 -20.51 17.21 20.03
N SER A 89 -19.66 17.04 21.04
CA SER A 89 -19.94 16.15 22.18
C SER A 89 -21.36 16.30 22.73
N PRO A 90 -22.03 15.16 22.99
CA PRO A 90 -21.43 13.83 22.88
C PRO A 90 -21.67 13.15 21.53
N LYS A 91 -22.22 13.89 20.55
CA LYS A 91 -22.76 13.32 19.32
C LYS A 91 -21.73 12.55 18.50
N GLU A 92 -20.55 13.14 18.27
CA GLU A 92 -19.44 12.40 17.68
C GLU A 92 -18.41 12.13 18.75
N ASP A 93 -18.04 10.86 18.88
CA ASP A 93 -17.21 10.41 19.99
C ASP A 93 -15.96 9.69 19.49
N TYR A 94 -14.91 9.79 20.28
CA TYR A 94 -13.67 9.03 20.06
C TYR A 94 -13.94 7.51 20.18
N PRO A 95 -13.16 6.67 19.48
CA PRO A 95 -12.03 6.98 18.60
C PRO A 95 -12.44 7.42 17.18
N ILE A 96 -11.61 8.25 16.56
CA ILE A 96 -11.89 8.80 15.26
C ILE A 96 -10.69 8.52 14.36
N GLU A 97 -11.00 8.08 13.15
CA GLU A 97 -10.02 7.77 12.12
C GLU A 97 -10.32 8.65 10.95
N ILE A 98 -9.35 9.48 10.57
CA ILE A 98 -9.50 10.30 9.36
C ILE A 98 -8.41 9.89 8.39
N GLN A 99 -8.80 9.77 7.14
CA GLN A 99 -7.89 9.48 6.04
C GLN A 99 -8.01 10.51 4.93
N LEU A 100 -6.86 10.95 4.42
CA LEU A 100 -6.90 11.83 3.29
C LEU A 100 -6.09 11.23 2.13
N SER A 101 -6.66 11.26 0.93
CA SER A 101 -5.94 10.85 -0.24
C SER A 101 -5.95 12.02 -1.22
N ALA A 102 -4.79 12.61 -1.43
CA ALA A 102 -4.66 13.81 -2.26
C ALA A 102 -3.56 13.64 -3.29
N GLY A 103 -3.79 14.10 -4.50
CA GLY A 103 -2.71 14.18 -5.44
C GLY A 103 -3.17 14.49 -6.83
N CYS A 104 -2.44 13.94 -7.80
CA CYS A 104 -2.77 14.15 -9.18
C CYS A 104 -2.34 12.94 -10.01
N GLU A 105 -3.05 12.72 -11.12
CA GLU A 105 -2.71 11.72 -12.12
C GLU A 105 -2.36 12.42 -13.43
N MET A 106 -1.18 12.11 -13.97
CA MET A 106 -0.73 12.67 -15.25
C MET A 106 -1.15 11.76 -16.42
N TYR A 107 -1.34 12.35 -17.59
CA TYR A 107 -1.72 11.58 -18.79
C TYR A 107 -0.69 11.74 -19.91
N ALA A 111 -1.22 16.33 -19.84
CA ALA A 111 -2.36 16.82 -19.08
C ALA A 111 -2.45 16.14 -17.71
N SER A 112 -3.26 16.69 -16.81
CA SER A 112 -3.45 16.11 -15.47
C SER A 112 -4.77 16.47 -14.77
N GLU A 113 -5.11 15.69 -13.75
CA GLU A 113 -6.31 15.88 -12.93
C GLU A 113 -5.93 15.65 -11.47
N SER A 114 -6.44 16.49 -10.58
CA SER A 114 -6.10 16.37 -9.17
C SER A 114 -7.28 15.96 -8.33
N PHE A 115 -7.00 15.40 -7.15
CA PHE A 115 -8.02 14.94 -6.21
C PHE A 115 -7.60 15.19 -4.78
N LEU A 116 -8.59 15.36 -3.91
CA LEU A 116 -8.39 15.39 -2.47
C LEU A 116 -9.67 14.80 -1.91
N HIS A 117 -9.57 13.55 -1.46
CA HIS A 117 -10.70 12.78 -0.94
C HIS A 117 -10.44 12.54 0.55
N VAL A 118 -11.52 12.64 1.33
CA VAL A 118 -11.40 12.50 2.77
C VAL A 118 -12.40 11.44 3.22
N ALA A 119 -11.91 10.48 4.02
CA ALA A 119 -12.75 9.47 4.60
C ALA A 119 -12.79 9.64 6.11
N PHE A 120 -13.90 9.23 6.72
CA PHE A 120 -14.10 9.34 8.16
C PHE A 120 -14.67 8.01 8.60
N GLN A 121 -14.03 7.39 9.60
CA GLN A 121 -14.37 6.04 10.02
C GLN A 121 -14.31 5.06 8.84
N GLY A 122 -13.38 5.25 7.92
CA GLY A 122 -13.18 4.30 6.80
C GLY A 122 -14.15 4.51 5.65
N LYS A 123 -14.93 5.59 5.73
CA LYS A 123 -15.92 5.87 4.67
C LYS A 123 -15.71 7.26 4.04
N TYR A 124 -15.67 7.30 2.70
CA TYR A 124 -15.53 8.54 1.92
C TYR A 124 -16.65 9.54 2.17
N VAL A 125 -16.31 10.71 2.69
CA VAL A 125 -17.32 11.71 3.08
C VAL A 125 -17.17 13.08 2.44
N VAL A 126 -15.96 13.45 2.04
CA VAL A 126 -15.72 14.85 1.71
C VAL A 126 -14.67 14.90 0.64
N ARG A 127 -14.81 15.88 -0.27
CA ARG A 127 -13.79 16.12 -1.26
C ARG A 127 -13.58 17.61 -1.42
N PHE A 128 -12.41 17.97 -1.94
CA PHE A 128 -12.23 19.30 -2.39
C PHE A 128 -12.46 19.21 -3.90
N TRP A 129 -13.28 20.10 -4.44
CA TRP A 129 -13.61 20.07 -5.88
C TRP A 129 -13.87 21.47 -6.41
N GLY A 130 -13.12 21.88 -7.41
CA GLY A 130 -13.28 23.20 -8.00
C GLY A 130 -12.65 24.24 -7.08
N THR A 131 -13.50 24.98 -6.35
CA THR A 131 -13.00 26.00 -5.42
C THR A 131 -13.42 25.80 -3.95
N SER A 132 -14.00 24.63 -3.63
CA SER A 132 -14.54 24.41 -2.28
C SER A 132 -14.59 22.95 -1.84
N TRP A 133 -14.60 22.77 -0.52
CA TRP A 133 -14.89 21.51 0.13
C TRP A 133 -16.38 21.21 0.00
N GLN A 134 -16.70 19.95 -0.19
CA GLN A 134 -18.08 19.55 -0.23
C GLN A 134 -18.19 18.19 0.44
N THR A 135 -19.31 17.97 1.11
CA THR A 135 -19.65 16.62 1.53
C THR A 135 -20.20 15.93 0.27
N VAL A 136 -20.12 14.61 0.28
CA VAL A 136 -20.44 13.75 -0.83
C VAL A 136 -21.83 13.16 -0.47
N PRO A 137 -22.64 12.77 -1.48
CA PRO A 137 -23.99 12.21 -1.16
C PRO A 137 -23.93 10.99 -0.21
N GLY A 138 -24.82 10.93 0.77
CA GLY A 138 -24.75 9.85 1.77
C GLY A 138 -23.92 10.16 3.02
N ALA A 139 -23.13 11.25 2.99
CA ALA A 139 -22.29 11.64 4.13
C ALA A 139 -23.18 12.13 5.27
N PRO A 140 -22.75 11.97 6.54
CA PRO A 140 -23.59 12.39 7.66
C PRO A 140 -23.87 13.89 7.62
N SER A 141 -25.11 14.26 7.86
CA SER A 141 -25.50 15.66 7.76
C SER A 141 -24.80 16.59 8.77
N TRP A 142 -24.31 16.05 9.90
CA TRP A 142 -23.61 16.93 10.87
C TRP A 142 -22.35 17.54 10.24
N LEU A 143 -21.90 16.94 9.15
CA LEU A 143 -20.73 17.48 8.48
C LEU A 143 -20.99 18.76 7.68
N ASP A 144 -22.25 19.09 7.40
CA ASP A 144 -22.57 20.19 6.48
C ASP A 144 -22.10 21.54 7.03
N LEU A 145 -22.34 21.77 8.32
CA LEU A 145 -21.92 23.03 8.95
C LEU A 145 -20.40 23.25 9.13
N PRO A 146 -19.64 22.24 9.60
CA PRO A 146 -18.17 22.37 9.58
C PRO A 146 -17.61 22.58 8.14
N ILE A 147 -18.19 21.92 7.14
CA ILE A 147 -17.73 22.16 5.75
C ILE A 147 -18.01 23.62 5.29
N LYS A 148 -19.21 24.14 5.60
CA LYS A 148 -19.54 25.52 5.33
C LYS A 148 -18.52 26.48 5.99
N VAL A 149 -18.23 26.23 7.26
CA VAL A 149 -17.26 27.02 7.99
C VAL A 149 -15.89 26.93 7.33
N LEU A 150 -15.41 25.72 7.07
CA LEU A 150 -14.16 25.54 6.35
C LEU A 150 -14.16 26.30 5.03
N ASN A 151 -15.28 26.26 4.32
CA ASN A 151 -15.37 27.01 3.06
C ASN A 151 -15.19 28.52 3.14
N ALA A 152 -15.49 29.11 4.29
CA ALA A 152 -15.35 30.54 4.48
C ALA A 152 -13.87 30.94 4.64
N ASP A 153 -12.98 29.98 4.91
CA ASP A 153 -11.54 30.23 4.98
C ASP A 153 -10.94 30.39 3.57
N GLN A 154 -11.05 31.60 3.04
CA GLN A 154 -10.59 31.91 1.70
C GLN A 154 -9.13 31.59 1.44
N GLY A 155 -8.26 31.94 2.38
CA GLY A 155 -6.82 31.60 2.30
C GLY A 155 -6.54 30.10 2.13
N THR A 156 -7.26 29.28 2.90
CA THR A 156 -7.04 27.84 2.76
C THR A 156 -7.53 27.34 1.39
N SER A 157 -8.70 27.81 0.96
CA SER A 157 -9.23 27.41 -0.33
C SER A 157 -8.25 27.81 -1.44
N ALA A 158 -7.73 29.05 -1.38
CA ALA A 158 -6.76 29.50 -2.36
C ALA A 158 -5.48 28.67 -2.34
N THR A 159 -5.03 28.29 -1.14
CA THR A 159 -3.86 27.43 -1.01
C THR A 159 -4.08 26.03 -1.57
N VAL A 160 -5.18 25.40 -1.18
CA VAL A 160 -5.55 24.06 -1.67
C VAL A 160 -5.71 24.04 -3.20
N GLN A 161 -6.40 25.05 -3.76
CA GLN A 161 -6.53 25.19 -5.20
C GLN A 161 -5.17 25.29 -5.89
N MET A 162 -4.28 26.09 -5.32
CA MET A 162 -2.91 26.24 -5.81
C MET A 162 -2.17 24.87 -5.78
N LEU A 163 -2.23 24.18 -4.65
CA LEU A 163 -1.58 22.86 -4.49
C LEU A 163 -2.12 21.83 -5.48
N LEU A 164 -3.44 21.76 -5.62
CA LEU A 164 -4.07 20.79 -6.52
C LEU A 164 -3.91 21.13 -7.98
N ASN A 165 -4.18 22.37 -8.35
CA ASN A 165 -4.08 22.80 -9.75
C ASN A 165 -2.65 23.02 -10.28
N ASP A 166 -1.77 23.57 -9.44
CA ASP A 166 -0.46 23.99 -9.94
C ASP A 166 0.68 23.17 -9.36
N THR A 167 0.84 23.24 -8.03
CA THR A 167 1.97 22.64 -7.35
C THR A 167 2.11 21.15 -7.67
N CYS A 168 1.05 20.37 -7.45
CA CYS A 168 1.08 18.92 -7.66
C CYS A 168 1.62 18.57 -9.03
N PRO A 169 0.96 19.02 -10.11
CA PRO A 169 1.44 18.58 -11.42
C PRO A 169 2.88 19.04 -11.67
N LEU A 170 3.22 20.22 -11.17
CA LEU A 170 4.58 20.74 -11.35
C LEU A 170 5.61 19.90 -10.58
N PHE A 171 5.33 19.58 -9.32
CA PHE A 171 6.22 18.74 -8.50
C PHE A 171 6.45 17.35 -9.12
N VAL A 172 5.37 16.81 -9.71
CA VAL A 172 5.35 15.45 -10.21
C VAL A 172 6.09 15.36 -11.54
N ARG A 173 5.97 16.38 -12.37
CA ARG A 173 6.81 16.39 -13.58
C ARG A 173 8.30 16.41 -13.20
N GLY A 174 8.63 17.05 -12.09
CA GLY A 174 9.99 17.04 -11.54
C GLY A 174 10.40 15.67 -11.02
N LEU A 175 9.44 14.96 -10.41
CA LEU A 175 9.68 13.60 -9.92
C LEU A 175 9.91 12.63 -11.07
N LEU A 176 9.01 12.66 -12.05
CA LEU A 176 9.17 11.83 -13.24
C LEU A 176 10.55 12.00 -13.86
N GLU A 177 10.98 13.26 -14.07
CA GLU A 177 12.32 13.50 -14.61
C GLU A 177 13.42 12.93 -13.69
N ALA A 178 13.37 13.30 -12.42
CA ALA A 178 14.40 12.95 -11.46
C ALA A 178 14.40 11.47 -11.06
N GLY A 179 13.23 10.84 -11.13
CA GLY A 179 13.08 9.44 -10.72
C GLY A 179 13.19 8.46 -11.86
N LYS A 180 13.48 8.97 -13.05
CA LYS A 180 13.38 8.23 -14.28
C LYS A 180 14.06 6.86 -14.20
N SER A 181 15.28 6.84 -13.66
CA SER A 181 16.02 5.60 -13.51
C SER A 181 15.31 4.57 -12.64
N ASP A 182 14.69 5.02 -11.54
CA ASP A 182 13.99 4.12 -10.65
C ASP A 182 12.63 3.76 -11.20
N LEU A 183 11.92 4.73 -11.81
CA LEU A 183 10.59 4.47 -12.36
C LEU A 183 10.61 3.52 -13.55
N GLU A 184 11.66 3.61 -14.35
CA GLU A 184 11.75 2.81 -15.57
C GLU A 184 12.60 1.56 -15.38
N LYS A 185 12.77 1.14 -14.13
CA LYS A 185 13.63 -0.02 -13.84
C LYS A 185 12.96 -1.32 -14.27
N GLN A 186 13.78 -2.25 -14.77
CA GLN A 186 13.33 -3.58 -15.15
C GLN A 186 13.97 -4.59 -14.17
N GLU A 187 13.12 -5.35 -13.46
CA GLU A 187 13.62 -6.47 -12.66
C GLU A 187 13.01 -7.77 -13.16
N LYS A 188 13.84 -8.80 -13.27
CA LYS A 188 13.43 -10.09 -13.81
C LYS A 188 12.73 -10.95 -12.78
N PRO A 189 11.65 -11.62 -13.19
CA PRO A 189 10.97 -12.53 -12.30
C PRO A 189 11.71 -13.86 -12.19
N VAL A 190 11.52 -14.55 -11.07
CA VAL A 190 11.97 -15.93 -10.94
C VAL A 190 10.70 -16.75 -10.68
N ALA A 191 10.55 -17.88 -11.34
CA ALA A 191 9.34 -18.68 -11.20
C ALA A 191 9.70 -20.02 -10.59
N TRP A 192 8.74 -20.61 -9.87
CA TRP A 192 8.86 -21.98 -9.38
C TRP A 192 7.47 -22.61 -9.26
N LEU A 193 7.43 -23.95 -9.34
CA LEU A 193 6.16 -24.69 -9.33
C LEU A 193 6.03 -25.50 -8.07
N SER A 194 4.78 -25.73 -7.69
CA SER A 194 4.42 -26.59 -6.57
C SER A 194 2.97 -27.03 -6.76
N SER A 195 2.45 -27.82 -5.83
CA SER A 195 1.03 -28.17 -5.86
C SER A 195 0.44 -28.40 -4.48
N ARG A 204 -5.83 -32.33 -8.32
CA ARG A 204 -4.90 -31.51 -7.52
C ARG A 204 -4.72 -30.11 -8.11
N GLN A 205 -4.30 -29.18 -7.27
CA GLN A 205 -4.09 -27.82 -7.71
C GLN A 205 -2.61 -27.51 -7.92
N LEU A 206 -2.27 -27.01 -9.10
CA LEU A 206 -0.90 -26.69 -9.49
C LEU A 206 -0.64 -25.19 -9.37
N VAL A 207 0.41 -24.81 -8.63
CA VAL A 207 0.73 -23.40 -8.38
C VAL A 207 2.03 -22.98 -9.07
N CYS A 208 1.97 -21.88 -9.81
CA CYS A 208 3.14 -21.31 -10.46
C CYS A 208 3.43 -19.96 -9.81
N HIS A 209 4.56 -19.93 -9.13
CA HIS A 209 4.91 -18.80 -8.26
C HIS A 209 5.84 -17.90 -9.05
N VAL A 210 5.56 -16.60 -9.11
CA VAL A 210 6.39 -15.70 -9.92
C VAL A 210 6.77 -14.48 -9.09
N SER A 211 8.05 -14.38 -8.75
CA SER A 211 8.49 -13.38 -7.80
C SER A 211 9.66 -12.55 -8.30
N GLY A 212 9.69 -11.28 -7.89
CA GLY A 212 10.82 -10.38 -8.15
C GLY A 212 10.73 -9.56 -9.43
N PHE A 213 9.57 -9.54 -10.07
CA PHE A 213 9.43 -8.78 -11.30
C PHE A 213 9.06 -7.30 -11.07
N TYR A 214 9.46 -6.48 -12.02
CA TYR A 214 9.14 -5.06 -12.05
C TYR A 214 9.44 -4.58 -13.45
N PRO A 215 8.54 -3.75 -14.05
CA PRO A 215 7.28 -3.26 -13.49
C PRO A 215 6.16 -4.29 -13.36
N LYS A 216 5.04 -3.86 -12.79
CA LYS A 216 3.86 -4.69 -12.56
C LYS A 216 3.26 -5.49 -13.76
N PRO A 217 3.09 -4.87 -14.96
CA PRO A 217 2.49 -5.71 -16.00
C PRO A 217 3.23 -7.06 -16.19
N VAL A 218 2.48 -8.15 -16.27
CA VAL A 218 3.10 -9.47 -16.43
C VAL A 218 2.08 -10.41 -17.07
N TRP A 219 2.53 -11.53 -17.60
CA TRP A 219 1.59 -12.54 -18.09
C TRP A 219 2.11 -13.87 -17.59
N VAL A 220 1.24 -14.60 -16.89
CA VAL A 220 1.58 -15.92 -16.37
C VAL A 220 0.47 -16.90 -16.68
N MET A 221 0.80 -17.96 -17.39
CA MET A 221 -0.24 -18.86 -17.90
C MET A 221 0.22 -20.29 -17.83
N TRP A 222 -0.69 -21.21 -17.49
CA TRP A 222 -0.43 -22.65 -17.64
C TRP A 222 -0.72 -23.06 -19.07
N MET A 223 0.19 -23.83 -19.68
CA MET A 223 0.12 -24.22 -21.09
C MET A 223 0.22 -25.72 -21.20
N ARG A 224 -0.36 -26.26 -22.26
CA ARG A 224 -0.06 -27.61 -22.67
C ARG A 224 0.41 -27.39 -24.09
N GLY A 225 1.74 -27.41 -24.26
CA GLY A 225 2.35 -27.03 -25.52
C GLY A 225 2.08 -25.56 -25.74
N ASP A 226 1.43 -25.26 -26.86
CA ASP A 226 1.06 -23.89 -27.22
C ASP A 226 -0.33 -23.46 -26.72
N GLN A 227 -1.10 -24.39 -26.17
CA GLN A 227 -2.47 -24.08 -25.76
C GLN A 227 -2.55 -23.53 -24.35
N GLU A 228 -2.99 -22.28 -24.26
CA GLU A 228 -3.31 -21.64 -22.99
C GLU A 228 -4.38 -22.44 -22.27
N GLN A 229 -4.12 -22.80 -21.03
CA GLN A 229 -5.09 -23.52 -20.22
C GLN A 229 -6.01 -22.49 -19.57
N GLN A 230 -7.28 -22.51 -19.98
CA GLN A 230 -8.28 -21.49 -19.64
C GLN A 230 -8.60 -21.38 -18.14
N GLY A 231 -8.59 -22.50 -17.43
CA GLY A 231 -8.87 -22.52 -15.97
C GLY A 231 -7.80 -21.89 -15.09
N THR A 232 -6.73 -21.38 -15.71
CA THR A 232 -5.66 -20.69 -14.98
C THR A 232 -6.28 -19.57 -14.15
N HIS A 233 -6.17 -19.68 -12.82
CA HIS A 233 -6.67 -18.64 -11.93
C HIS A 233 -5.48 -17.80 -11.53
N ARG A 234 -5.45 -16.55 -11.98
CA ARG A 234 -4.42 -15.63 -11.53
C ARG A 234 -4.78 -15.08 -10.13
N GLY A 235 -3.79 -15.03 -9.23
CA GLY A 235 -4.00 -14.52 -7.87
C GLY A 235 -3.80 -13.01 -7.80
N ASP A 236 -3.80 -12.46 -6.58
CA ASP A 236 -3.51 -11.06 -6.33
C ASP A 236 -2.03 -10.75 -6.52
N PHE A 237 -1.74 -9.51 -6.88
CA PHE A 237 -0.36 -9.02 -6.90
C PHE A 237 0.00 -8.69 -5.50
N LEU A 238 1.07 -9.33 -5.01
CA LEU A 238 1.54 -9.18 -3.62
C LEU A 238 2.90 -8.51 -3.68
N PRO A 239 3.12 -7.49 -2.87
CA PRO A 239 4.42 -6.86 -3.08
C PRO A 239 5.54 -7.60 -2.33
N ASN A 240 6.74 -7.55 -2.90
CA ASN A 240 7.93 -7.94 -2.14
C ASN A 240 8.45 -6.71 -1.46
N ALA A 241 9.36 -6.88 -0.52
CA ALA A 241 9.89 -5.77 0.25
C ALA A 241 10.98 -4.97 -0.50
N ASP A 242 11.39 -5.45 -1.67
CA ASP A 242 12.47 -4.81 -2.42
C ASP A 242 11.88 -4.12 -3.68
N GLU A 243 10.66 -3.64 -3.56
CA GLU A 243 9.99 -2.90 -4.63
C GLU A 243 9.91 -3.72 -5.89
N THR A 244 9.60 -4.99 -5.71
CA THR A 244 9.28 -5.89 -6.83
C THR A 244 7.97 -6.60 -6.45
N TRP A 245 7.39 -7.31 -7.43
CA TRP A 245 6.09 -7.94 -7.27
C TRP A 245 6.15 -9.47 -7.16
N TYR A 246 5.08 -10.03 -6.62
CA TYR A 246 4.98 -11.47 -6.51
C TYR A 246 3.61 -11.84 -7.07
N LEU A 247 3.53 -12.91 -7.84
CA LEU A 247 2.21 -13.38 -8.30
C LEU A 247 2.19 -14.90 -8.39
N GLN A 248 1.04 -15.50 -8.11
CA GLN A 248 0.86 -16.91 -8.41
C GLN A 248 -0.26 -17.12 -9.40
N ALA A 249 -0.14 -18.18 -10.18
CA ALA A 249 -1.21 -18.62 -11.05
C ALA A 249 -1.43 -20.09 -10.76
N THR A 250 -2.68 -20.44 -10.49
CA THR A 250 -3.01 -21.81 -10.14
C THR A 250 -3.87 -22.47 -11.21
N LEU A 251 -3.78 -23.80 -11.28
CA LEU A 251 -4.61 -24.58 -12.19
C LEU A 251 -5.04 -25.87 -11.50
N ASP A 252 -6.35 -26.12 -11.42
CA ASP A 252 -6.88 -27.39 -10.91
C ASP A 252 -6.82 -28.43 -12.03
N VAL A 253 -6.05 -29.49 -11.81
CA VAL A 253 -5.89 -30.54 -12.82
C VAL A 253 -6.28 -31.94 -12.30
N GLU A 254 -6.80 -32.78 -13.18
CA GLU A 254 -7.05 -34.18 -12.81
C GLU A 254 -5.71 -34.86 -12.52
N ALA A 255 -5.62 -35.58 -11.40
CA ALA A 255 -4.40 -36.31 -11.01
C ALA A 255 -4.01 -37.40 -12.03
N GLY A 256 -4.17 -37.07 -13.30
CA GLY A 256 -3.74 -37.91 -14.42
C GLY A 256 -3.12 -37.02 -15.50
N GLU A 257 -3.12 -35.71 -15.25
CA GLU A 257 -2.88 -34.72 -16.30
C GLU A 257 -1.58 -33.93 -16.19
N GLU A 258 -0.94 -33.97 -15.03
CA GLU A 258 0.23 -33.13 -14.76
C GLU A 258 1.30 -33.19 -15.86
N ALA A 259 1.51 -34.39 -16.39
CA ALA A 259 2.48 -34.60 -17.47
C ALA A 259 2.18 -33.75 -18.70
N GLY A 260 3.18 -32.99 -19.14
CA GLY A 260 3.05 -32.14 -20.33
C GLY A 260 2.71 -30.68 -20.08
N LEU A 261 2.31 -30.36 -18.86
CA LEU A 261 1.95 -28.99 -18.51
C LEU A 261 3.18 -28.14 -18.20
N ALA A 262 3.07 -26.86 -18.48
CA ALA A 262 4.13 -25.93 -18.20
C ALA A 262 3.57 -24.61 -17.71
N CYS A 263 4.37 -23.89 -16.92
CA CYS A 263 4.06 -22.51 -16.60
C CYS A 263 4.89 -21.61 -17.51
N ARG A 264 4.22 -20.66 -18.15
CA ARG A 264 4.93 -19.68 -18.97
C ARG A 264 4.76 -18.27 -18.42
N VAL A 265 5.85 -17.54 -18.34
CA VAL A 265 5.86 -16.15 -17.86
C VAL A 265 6.40 -15.27 -19.00
N LYS A 266 5.62 -14.24 -19.37
CA LYS A 266 6.13 -13.13 -20.14
C LYS A 266 6.27 -11.87 -19.30
N HIS A 267 7.37 -11.15 -19.51
CA HIS A 267 7.66 -9.92 -18.76
C HIS A 267 8.63 -9.04 -19.56
N SER A 268 8.42 -7.74 -19.49
CA SER A 268 9.22 -6.79 -20.25
C SER A 268 10.73 -6.94 -19.97
N SER A 269 11.10 -7.30 -18.73
CA SER A 269 12.52 -7.47 -18.36
C SER A 269 13.22 -8.62 -19.11
N LEU A 270 12.46 -9.61 -19.59
CA LEU A 270 13.01 -10.84 -20.18
C LEU A 270 13.49 -10.74 -21.63
N GLY A 271 12.98 -9.73 -22.33
CA GLY A 271 13.34 -9.49 -23.73
C GLY A 271 12.95 -10.56 -24.71
N GLY A 272 11.75 -11.14 -24.54
CA GLY A 272 11.27 -12.17 -25.48
C GLY A 272 11.65 -13.59 -25.08
N GLN A 273 12.64 -13.70 -24.19
CA GLN A 273 13.02 -14.97 -23.58
C GLN A 273 12.09 -15.33 -22.39
N ASP A 274 10.85 -15.74 -22.66
CA ASP A 274 9.89 -16.16 -21.62
C ASP A 274 10.48 -17.23 -20.71
N ILE A 275 10.14 -17.18 -19.43
CA ILE A 275 10.35 -18.33 -18.55
C ILE A 275 9.34 -19.42 -18.97
N ILE A 276 9.82 -20.62 -19.25
CA ILE A 276 8.95 -21.80 -19.37
C ILE A 276 9.41 -22.82 -18.32
N LEU A 277 8.52 -23.18 -17.40
CA LEU A 277 8.82 -24.25 -16.44
C LEU A 277 7.89 -25.43 -16.61
N TYR A 278 8.46 -26.59 -16.98
CA TYR A 278 7.68 -27.80 -17.23
C TYR A 278 7.42 -28.53 -15.93
N TRP A 279 6.20 -29.03 -15.77
CA TRP A 279 5.88 -29.84 -14.60
C TRP A 279 6.49 -31.23 -14.74
N GLN B 2 -15.49 -1.67 11.44
CA GLN B 2 -14.28 -2.56 11.55
C GLN B 2 -14.18 -3.54 10.39
N LYS B 3 -12.98 -3.68 9.85
CA LYS B 3 -12.72 -4.73 8.87
C LYS B 3 -11.60 -5.67 9.34
N THR B 4 -11.81 -6.95 9.10
CA THR B 4 -10.93 -8.04 9.53
C THR B 4 -9.71 -8.25 8.62
N PRO B 5 -8.52 -8.41 9.22
CA PRO B 5 -7.33 -8.53 8.37
C PRO B 5 -7.25 -9.82 7.55
N GLN B 6 -6.79 -9.67 6.30
CA GLN B 6 -6.41 -10.81 5.48
C GLN B 6 -4.90 -10.93 5.55
N ILE B 7 -4.40 -12.16 5.57
CA ILE B 7 -2.98 -12.46 5.74
C ILE B 7 -2.46 -13.43 4.67
N GLN B 8 -1.41 -13.04 3.98
CA GLN B 8 -0.81 -13.91 2.98
C GLN B 8 0.66 -14.01 3.31
N VAL B 9 1.15 -15.26 3.34
CA VAL B 9 2.53 -15.54 3.70
C VAL B 9 3.18 -16.26 2.52
N TYR B 10 4.32 -15.72 2.09
CA TYR B 10 4.98 -16.12 0.88
C TYR B 10 6.44 -15.68 0.92
N SER B 11 7.26 -16.33 0.13
CA SER B 11 8.70 -16.09 0.14
C SER B 11 9.14 -15.32 -1.09
N ARG B 12 10.23 -14.58 -0.89
CA ARG B 12 10.80 -13.73 -1.93
C ARG B 12 11.40 -14.56 -3.06
N HIS B 13 12.12 -15.62 -2.68
CA HIS B 13 12.83 -16.47 -3.63
C HIS B 13 12.26 -17.90 -3.50
N PRO B 14 12.50 -18.76 -4.51
CA PRO B 14 12.03 -20.15 -4.43
C PRO B 14 12.55 -20.77 -3.14
N PRO B 15 11.68 -21.39 -2.34
CA PRO B 15 12.17 -21.92 -1.07
C PRO B 15 12.97 -23.19 -1.32
N GLU B 16 14.18 -23.21 -0.81
CA GLU B 16 15.03 -24.36 -0.99
C GLU B 16 15.70 -24.61 0.33
N ASN B 17 15.50 -25.82 0.85
CA ASN B 17 15.88 -26.17 2.21
C ASN B 17 17.35 -25.86 2.46
N GLY B 18 17.62 -25.17 3.56
CA GLY B 18 18.98 -24.77 3.89
C GLY B 18 19.51 -23.49 3.24
N LYS B 19 18.82 -22.92 2.25
CA LYS B 19 19.27 -21.66 1.63
C LYS B 19 18.52 -20.45 2.22
N PRO B 20 19.27 -19.48 2.79
CA PRO B 20 18.66 -18.23 3.29
C PRO B 20 17.74 -17.57 2.27
N ASN B 21 16.61 -17.07 2.76
CA ASN B 21 15.55 -16.54 1.91
C ASN B 21 14.89 -15.40 2.71
N ILE B 22 13.83 -14.82 2.17
CA ILE B 22 13.09 -13.80 2.91
C ILE B 22 11.62 -14.23 2.99
N LEU B 23 11.07 -14.26 4.20
CA LEU B 23 9.63 -14.55 4.29
C LEU B 23 8.82 -13.25 4.41
N ASN B 24 7.76 -13.13 3.59
CA ASN B 24 6.82 -12.00 3.64
C ASN B 24 5.48 -12.33 4.27
N CYS B 25 4.99 -11.39 5.06
CA CYS B 25 3.64 -11.48 5.58
C CYS B 25 2.92 -10.18 5.19
N TYR B 26 1.96 -10.29 4.28
CA TYR B 26 1.23 -9.17 3.74
C TYR B 26 -0.15 -9.22 4.31
N VAL B 27 -0.46 -8.19 5.10
CA VAL B 27 -1.71 -8.06 5.83
C VAL B 27 -2.50 -6.90 5.21
N THR B 28 -3.74 -7.19 4.84
CA THR B 28 -4.57 -6.27 4.07
C THR B 28 -6.01 -6.21 4.58
N GLN B 29 -6.78 -5.26 4.03
CA GLN B 29 -8.24 -5.17 4.22
C GLN B 29 -8.69 -4.98 5.66
N PHE B 30 -7.88 -4.36 6.49
CA PHE B 30 -8.28 -4.11 7.87
C PHE B 30 -8.57 -2.63 8.11
N HIS B 31 -9.51 -2.40 9.04
CA HIS B 31 -9.75 -1.09 9.67
C HIS B 31 -10.29 -1.42 11.08
N PRO B 32 -9.88 -0.67 12.12
CA PRO B 32 -8.98 0.49 12.12
C PRO B 32 -7.50 0.13 11.86
N PRO B 33 -6.62 1.16 11.81
CA PRO B 33 -5.23 0.90 11.44
C PRO B 33 -4.35 0.28 12.54
N HIS B 34 -4.76 0.39 13.78
CA HIS B 34 -3.96 -0.17 14.85
C HIS B 34 -4.00 -1.69 14.73
N ILE B 35 -2.83 -2.32 14.83
CA ILE B 35 -2.66 -3.75 14.54
C ILE B 35 -1.32 -4.22 15.10
N GLU B 36 -1.26 -5.48 15.54
CA GLU B 36 0.00 -6.08 15.93
C GLU B 36 0.30 -7.31 15.09
N ILE B 37 1.47 -7.30 14.45
CA ILE B 37 1.91 -8.34 13.56
C ILE B 37 3.21 -8.91 14.05
N GLN B 38 3.22 -10.23 14.25
CA GLN B 38 4.39 -10.97 14.66
C GLN B 38 4.66 -12.03 13.58
N MET B 39 5.92 -12.36 13.38
CA MET B 39 6.26 -13.52 12.55
C MET B 39 6.88 -14.57 13.45
N LEU B 40 6.48 -15.83 13.22
CA LEU B 40 6.79 -16.91 14.17
C LEU B 40 7.64 -18.01 13.54
N LYS B 41 8.67 -18.44 14.26
CA LYS B 41 9.43 -19.61 13.87
C LYS B 41 9.19 -20.69 14.92
N ASN B 42 8.65 -21.84 14.50
CA ASN B 42 8.22 -22.90 15.44
C ASN B 42 7.38 -22.30 16.59
N GLY B 43 6.44 -21.42 16.24
CA GLY B 43 5.55 -20.78 17.20
C GLY B 43 6.19 -19.74 18.11
N LYS B 44 7.51 -19.55 17.98
CA LYS B 44 8.24 -18.55 18.76
C LYS B 44 8.45 -17.29 17.93
N LYS B 45 8.36 -16.14 18.58
CA LYS B 45 8.44 -14.84 17.89
C LYS B 45 9.83 -14.57 17.29
N ILE B 46 9.88 -14.24 16.01
CA ILE B 46 11.13 -13.90 15.35
C ILE B 46 11.37 -12.43 15.67
N PRO B 47 12.53 -12.10 16.30
CA PRO B 47 12.77 -10.72 16.75
C PRO B 47 13.12 -9.71 15.66
N LYS B 48 13.71 -10.13 14.55
CA LYS B 48 14.26 -9.14 13.62
C LYS B 48 13.28 -8.50 12.60
N VAL B 49 11.97 -8.59 12.85
CA VAL B 49 10.98 -8.36 11.78
C VAL B 49 10.86 -6.92 11.30
N GLU B 50 10.92 -6.74 9.99
CA GLU B 50 10.99 -5.44 9.37
C GLU B 50 9.60 -5.12 8.81
N MET B 51 9.07 -3.95 9.12
CA MET B 51 7.75 -3.54 8.61
C MET B 51 7.86 -2.40 7.62
N SER B 52 7.02 -2.43 6.59
CA SER B 52 6.81 -1.25 5.75
C SER B 52 5.99 -0.25 6.56
N ASP B 53 5.95 0.98 6.06
CA ASP B 53 5.00 1.97 6.53
C ASP B 53 3.58 1.48 6.21
N MET B 54 2.71 1.68 7.18
CA MET B 54 1.27 1.53 7.02
C MET B 54 0.81 2.45 5.91
N SER B 55 -0.01 1.93 5.01
CA SER B 55 -0.58 2.73 3.94
C SER B 55 -2.02 2.22 3.80
N PHE B 56 -2.73 2.67 2.75
CA PHE B 56 -4.07 2.18 2.48
C PHE B 56 -4.41 2.19 1.01
N SER B 57 -5.47 1.46 0.68
CA SER B 57 -5.85 1.28 -0.72
C SER B 57 -6.94 2.22 -1.17
N LYS B 58 -7.28 2.13 -2.46
CA LYS B 58 -8.36 2.86 -3.07
C LYS B 58 -9.68 2.77 -2.29
N ASP B 59 -10.03 1.59 -1.78
CA ASP B 59 -11.24 1.45 -0.96
C ASP B 59 -11.00 1.82 0.52
N TRP B 60 -9.86 2.43 0.82
CA TRP B 60 -9.61 3.01 2.16
C TRP B 60 -9.16 2.02 3.24
N SER B 61 -9.18 0.73 2.92
CA SER B 61 -8.77 -0.30 3.91
C SER B 61 -7.22 -0.31 4.02
N PHE B 62 -6.68 -0.50 5.22
CA PHE B 62 -5.23 -0.47 5.41
C PHE B 62 -4.45 -1.71 4.88
N TYR B 63 -3.15 -1.56 4.65
CA TYR B 63 -2.32 -2.72 4.36
C TYR B 63 -0.91 -2.45 4.84
N ILE B 64 -0.19 -3.53 5.10
CA ILE B 64 1.16 -3.43 5.57
C ILE B 64 1.90 -4.72 5.31
N LEU B 65 3.19 -4.59 5.02
CA LEU B 65 4.02 -5.72 4.70
C LEU B 65 5.10 -5.94 5.76
N ALA B 66 5.15 -7.15 6.34
CA ALA B 66 6.21 -7.53 7.26
C ALA B 66 7.10 -8.51 6.52
N HIS B 67 8.40 -8.48 6.81
CA HIS B 67 9.29 -9.45 6.22
C HIS B 67 10.45 -9.78 7.15
N THR B 68 10.95 -10.99 7.02
CA THR B 68 12.09 -11.39 7.79
C THR B 68 12.98 -12.36 7.01
N GLU B 69 14.27 -12.32 7.28
CA GLU B 69 15.19 -13.33 6.79
C GLU B 69 14.71 -14.64 7.36
N PHE B 70 14.76 -15.69 6.55
CA PHE B 70 14.48 -17.05 7.02
C PHE B 70 15.20 -18.09 6.16
N THR B 71 15.42 -19.25 6.74
CA THR B 71 16.06 -20.35 6.04
C THR B 71 15.09 -21.50 6.19
N PRO B 72 14.38 -21.85 5.09
CA PRO B 72 13.50 -23.01 5.21
C PRO B 72 14.32 -24.27 5.42
N THR B 73 13.79 -25.20 6.20
CA THR B 73 14.38 -26.51 6.41
C THR B 73 13.26 -27.53 6.46
N GLU B 74 13.63 -28.80 6.52
CA GLU B 74 12.70 -29.92 6.64
C GLU B 74 11.98 -29.97 8.00
N THR B 75 12.39 -29.10 8.92
CA THR B 75 11.98 -29.23 10.30
C THR B 75 11.42 -27.95 10.94
N ASP B 76 11.32 -26.87 10.19
CA ASP B 76 10.86 -25.61 10.78
C ASP B 76 9.55 -25.17 10.18
N THR B 77 8.61 -24.80 11.04
CA THR B 77 7.38 -24.15 10.57
C THR B 77 7.52 -22.65 10.75
N TYR B 78 6.87 -21.91 9.86
CA TYR B 78 6.85 -20.44 9.92
C TYR B 78 5.42 -19.93 9.83
N ALA B 79 5.13 -18.84 10.54
CA ALA B 79 3.78 -18.33 10.61
C ALA B 79 3.79 -16.81 10.76
N CYS B 80 2.67 -16.21 10.45
CA CYS B 80 2.41 -14.81 10.73
C CYS B 80 1.18 -14.73 11.63
N ARG B 81 1.32 -14.05 12.76
CA ARG B 81 0.25 -13.92 13.73
C ARG B 81 -0.20 -12.47 13.84
N VAL B 82 -1.51 -12.24 13.84
CA VAL B 82 -2.08 -10.89 13.80
C VAL B 82 -3.10 -10.69 14.92
N LYS B 83 -2.90 -9.61 15.68
CA LYS B 83 -3.83 -9.15 16.71
C LYS B 83 -4.51 -7.88 16.20
N HIS B 84 -5.83 -7.86 16.18
CA HIS B 84 -6.55 -6.72 15.64
C HIS B 84 -7.91 -6.61 16.31
N ALA B 85 -8.38 -5.38 16.49
CA ALA B 85 -9.63 -5.17 17.20
C ALA B 85 -10.80 -5.93 16.56
N SER B 86 -10.74 -6.23 15.26
CA SER B 86 -11.87 -6.88 14.59
C SER B 86 -12.07 -8.35 14.99
N MET B 87 -11.06 -8.94 15.63
CA MET B 87 -11.07 -10.34 16.00
C MET B 87 -10.90 -10.52 17.49
N ALA B 88 -11.58 -11.53 18.05
CA ALA B 88 -11.54 -11.80 19.48
C ALA B 88 -10.23 -12.47 19.91
N GLU B 89 -9.59 -13.19 18.98
CA GLU B 89 -8.32 -13.87 19.24
C GLU B 89 -7.33 -13.55 18.15
N PRO B 90 -6.03 -13.67 18.46
CA PRO B 90 -5.01 -13.54 17.43
C PRO B 90 -5.28 -14.51 16.30
N LYS B 91 -5.03 -14.08 15.07
CA LYS B 91 -5.23 -14.92 13.91
C LYS B 91 -3.86 -15.26 13.35
N THR B 92 -3.58 -16.56 13.28
CA THR B 92 -2.29 -17.06 12.82
C THR B 92 -2.43 -17.78 11.48
N VAL B 93 -1.68 -17.37 10.49
CA VAL B 93 -1.55 -18.20 9.29
C VAL B 93 -0.12 -18.67 9.06
N TYR B 94 -0.02 -19.97 8.77
CA TYR B 94 1.24 -20.65 8.61
C TYR B 94 1.69 -20.60 7.18
N TRP B 95 2.98 -20.40 6.97
CA TRP B 95 3.54 -20.53 5.65
C TRP B 95 3.32 -21.96 5.15
N ASP B 96 2.63 -22.09 4.02
CA ASP B 96 2.19 -23.39 3.49
C ASP B 96 3.34 -24.19 2.88
N ARG B 97 4.55 -23.62 2.97
CA ARG B 97 5.84 -24.20 2.53
C ARG B 97 6.10 -24.25 1.01
N ASP B 98 5.14 -23.78 0.22
CA ASP B 98 5.27 -23.69 -1.23
C ASP B 98 5.45 -22.22 -1.63
N MET B 99 4.66 -21.38 -0.96
CA MET B 99 4.60 -19.94 -1.21
C MET B 99 5.93 -19.25 -0.91
#